data_7E7N
#
_entry.id   7E7N
#
_cell.length_a   44.300
_cell.length_b   45.635
_cell.length_c   46.844
_cell.angle_alpha   94.120
_cell.angle_beta   117.040
_cell.angle_gamma   117.200
#
_symmetry.space_group_name_H-M   'P 1'
#
loop_
_entity.id
_entity.type
_entity.pdbx_description
1 polymer 'Fucose-binding lectin protein,Fucose-binding lectin protein,Fucose-binding lectin protein'
2 non-polymer GLYCEROL
3 non-polymer '2-[2-[2-[4-[[(2R,3S,4R,5S,6S)-6-methyl-3,4,5-tris(oxidanyl)oxan-2-yl]oxymethyl]-1,2,3-triazol-1-yl]ethoxy]ethoxy]ethyl 2-[3,6-bis(diethylamino)-9H-xanthen-9-yl]benzoate'
4 water water
#
_entity_poly.entity_id   1
_entity_poly.type   'polypeptide(L)'
_entity_poly.pdbx_seq_one_letter_code
;MSSVQTAATSWGTVPSIAVYTANNGKITERCWDGKGWYTGAFNEPGDNVSVTSWLVGSAIHIRVYASTGTTTTEWCWDGN
GWTKGAYTSSTVPGDQTAATSWGTVPSIAVYTANNGKITERCWDGKGWYTGAFNEPGDNVSVTSWLVGSAIHIRVYASTG
TTTTEWCWDGNGWTKGAYTSSTVPGDQTAATSWGTVPSIAVYTANNGKITERCWDGKGWYTGAFNEPGDNVSVTSWLVGS
AIHIRVYASTGTTTTEWCWDGNGWTKGAYTAT
;
_entity_poly.pdbx_strand_id   A
#
loop_
_chem_comp.id
_chem_comp.type
_chem_comp.name
_chem_comp.formula
GOL non-polymer GLYCEROL 'C3 H8 O3'
R3F non-polymer '2-[2-[2-[4-[[(2R,3S,4R,5S,6S)-6-methyl-3,4,5-tris(oxidanyl)oxan-2-yl]oxymethyl]-1,2,3-triazol-1-yl]ethoxy]ethoxy]ethyl 2-[3,6-bis(diethylamino)-9H-xanthen-9-yl]benzoate' 'C43 H57 N5 O10'
#
# COMPACT_ATOMS: atom_id res chain seq x y z
N SER A 3 10.32 -13.96 -5.72
CA SER A 3 8.99 -14.27 -5.27
C SER A 3 8.07 -13.25 -5.93
N VAL A 4 6.81 -13.59 -6.10
CA VAL A 4 5.82 -12.62 -6.65
C VAL A 4 5.72 -11.42 -5.71
N GLN A 5 5.16 -10.33 -6.21
CA GLN A 5 5.07 -9.08 -5.41
C GLN A 5 3.62 -8.67 -5.47
N THR A 6 3.04 -8.27 -4.35
CA THR A 6 1.58 -7.96 -4.30
C THR A 6 1.31 -6.57 -3.79
N ALA A 7 0.12 -6.16 -4.12
CA ALA A 7 -0.44 -4.90 -3.62
C ALA A 7 -1.89 -5.13 -3.31
N ALA A 8 -2.40 -4.52 -2.26
CA ALA A 8 -3.77 -4.77 -1.83
C ALA A 8 -4.49 -3.48 -1.53
N THR A 9 -5.78 -3.47 -1.74
CA THR A 9 -6.64 -2.34 -1.31
C THR A 9 -7.98 -2.91 -0.87
N SER A 10 -8.78 -2.12 -0.17
CA SER A 10 -10.05 -2.63 0.34
C SER A 10 -10.99 -1.45 0.47
N TRP A 11 -12.29 -1.70 0.46
CA TRP A 11 -13.23 -0.59 0.70
C TRP A 11 -14.51 -1.09 1.31
N GLY A 12 -15.20 -0.18 2.00
CA GLY A 12 -16.48 -0.53 2.65
C GLY A 12 -16.24 -1.33 3.91
N THR A 13 -17.33 -1.90 4.42
CA THR A 13 -17.33 -2.66 5.69
C THR A 13 -17.65 -4.12 5.39
N VAL A 14 -17.99 -4.52 4.17
CA VAL A 14 -18.13 -5.97 3.87
C VAL A 14 -16.86 -6.73 4.26
N PRO A 15 -15.64 -6.41 3.81
CA PRO A 15 -15.34 -5.35 2.84
C PRO A 15 -15.20 -5.98 1.44
N SER A 16 -14.95 -5.15 0.45
CA SER A 16 -14.39 -5.63 -0.84
C SER A 16 -12.88 -5.48 -0.76
N ILE A 17 -12.17 -6.41 -1.37
CA ILE A 17 -10.69 -6.45 -1.36
C ILE A 17 -10.22 -6.79 -2.77
N ALA A 18 -9.26 -6.02 -3.27
CA ALA A 18 -8.58 -6.40 -4.49
C ALA A 18 -7.10 -6.56 -4.19
N VAL A 19 -6.53 -7.65 -4.67
CA VAL A 19 -5.11 -8.01 -4.47
C VAL A 19 -4.48 -8.21 -5.83
N TYR A 20 -3.48 -7.40 -6.14
CA TYR A 20 -2.75 -7.39 -7.43
C TYR A 20 -1.45 -8.15 -7.24
N THR A 21 -1.12 -9.03 -8.14
CA THR A 21 0.14 -9.81 -8.05
C THR A 21 0.93 -9.66 -9.34
N ALA A 22 2.17 -9.24 -9.18
CA ALA A 22 3.17 -9.17 -10.27
C ALA A 22 3.96 -10.49 -10.23
N ASN A 23 3.96 -11.21 -11.35
CA ASN A 23 4.53 -12.59 -11.45
C ASN A 23 5.03 -12.72 -12.89
N ASN A 24 6.35 -12.79 -13.05
CA ASN A 24 6.99 -13.08 -14.35
C ASN A 24 6.54 -12.04 -15.36
N GLY A 25 6.47 -10.76 -14.94
CA GLY A 25 6.21 -9.60 -15.79
C GLY A 25 4.75 -9.36 -16.08
N LYS A 26 3.82 -10.09 -15.46
CA LYS A 26 2.37 -9.89 -15.67
C LYS A 26 1.75 -9.59 -14.31
N ILE A 27 0.84 -8.62 -14.26
CA ILE A 27 0.04 -8.30 -13.06
C ILE A 27 -1.38 -8.79 -13.28
N THR A 28 -1.87 -9.66 -12.40
CA THR A 28 -3.25 -10.14 -12.36
C THR A 28 -3.89 -9.77 -11.02
N GLU A 29 -5.19 -9.98 -10.93
CA GLU A 29 -6.06 -9.45 -9.87
C GLU A 29 -6.95 -10.57 -9.31
N ARG A 30 -6.96 -10.64 -7.99
CA ARG A 30 -7.93 -11.50 -7.28
C ARG A 30 -8.80 -10.57 -6.44
N CYS A 31 -10.06 -10.90 -6.34
CA CYS A 31 -11.13 -10.02 -5.80
C CYS A 31 -11.96 -10.81 -4.77
N TRP A 32 -12.34 -10.10 -3.72
CA TRP A 32 -13.28 -10.57 -2.67
C TRP A 32 -14.36 -9.53 -2.47
N ASP A 33 -15.63 -9.96 -2.53
CA ASP A 33 -16.77 -9.08 -2.23
C ASP A 33 -17.66 -9.74 -1.18
N GLY A 34 -17.13 -10.65 -0.40
CA GLY A 34 -17.85 -11.24 0.75
C GLY A 34 -18.24 -12.65 0.46
N LYS A 35 -18.03 -13.20 -0.72
CA LYS A 35 -18.66 -14.47 -1.13
C LYS A 35 -17.68 -15.33 -1.87
N GLY A 36 -16.40 -15.28 -1.53
CA GLY A 36 -15.42 -16.10 -2.26
C GLY A 36 -14.45 -15.25 -3.08
N TRP A 37 -13.22 -15.75 -3.22
CA TRP A 37 -12.23 -15.12 -4.12
C TRP A 37 -12.54 -15.46 -5.58
N TYR A 38 -12.24 -14.55 -6.47
CA TYR A 38 -12.44 -14.77 -7.91
C TYR A 38 -11.39 -13.94 -8.64
N THR A 39 -11.18 -14.28 -9.89
CA THR A 39 -10.21 -13.58 -10.75
C THR A 39 -10.87 -12.32 -11.33
N GLY A 40 -10.23 -11.18 -11.14
CA GLY A 40 -10.72 -9.91 -11.72
C GLY A 40 -10.29 -9.74 -13.14
N ALA A 41 -10.80 -8.69 -13.74
CA ALA A 41 -10.54 -8.37 -15.15
C ALA A 41 -9.11 -7.86 -15.34
N PHE A 42 -8.43 -7.32 -14.32
CA PHE A 42 -7.20 -6.58 -14.62
C PHE A 42 -6.11 -7.58 -15.03
N ASN A 43 -5.45 -7.33 -16.14
CA ASN A 43 -4.33 -8.15 -16.59
C ASN A 43 -3.45 -7.25 -17.45
N GLU A 44 -2.33 -6.73 -16.92
CA GLU A 44 -1.43 -5.82 -17.68
C GLU A 44 -0.02 -6.23 -17.38
N PRO A 45 0.93 -5.83 -18.25
CA PRO A 45 2.35 -6.06 -17.96
C PRO A 45 2.83 -5.22 -16.79
N GLY A 46 3.76 -5.81 -16.07
CA GLY A 46 4.42 -5.12 -14.98
C GLY A 46 5.30 -6.07 -14.17
N ASP A 47 6.38 -5.54 -13.67
CA ASP A 47 7.28 -6.27 -12.74
C ASP A 47 7.03 -5.80 -11.32
N ASN A 48 6.37 -4.66 -11.15
CA ASN A 48 6.10 -4.07 -9.80
C ASN A 48 4.72 -3.45 -9.88
N VAL A 49 4.00 -3.53 -8.76
CA VAL A 49 2.65 -2.99 -8.70
C VAL A 49 2.46 -2.26 -7.36
N SER A 50 1.71 -1.17 -7.40
CA SER A 50 1.12 -0.52 -6.22
C SER A 50 -0.33 -0.16 -6.54
N VAL A 51 -1.12 0.13 -5.54
CA VAL A 51 -2.54 0.42 -5.72
C VAL A 51 -3.04 1.39 -4.67
N THR A 52 -4.06 2.16 -5.03
CA THR A 52 -4.84 2.97 -4.07
C THR A 52 -6.26 2.98 -4.56
N SER A 53 -7.20 3.27 -3.69
CA SER A 53 -8.60 3.38 -4.09
C SER A 53 -9.32 4.36 -3.20
N TRP A 54 -10.48 4.76 -3.66
CA TRP A 54 -11.37 5.68 -2.91
C TRP A 54 -12.79 5.46 -3.35
N LEU A 55 -13.72 5.68 -2.42
CA LEU A 55 -15.17 5.68 -2.66
C LEU A 55 -15.68 7.09 -2.93
N VAL A 56 -16.60 7.15 -3.86
CA VAL A 56 -17.48 8.35 -3.98
C VAL A 56 -18.88 7.79 -3.84
N GLY A 57 -19.53 8.08 -2.73
CA GLY A 57 -20.74 7.36 -2.31
C GLY A 57 -20.43 5.89 -2.23
N SER A 58 -21.08 5.11 -3.07
CA SER A 58 -20.95 3.64 -3.04
C SER A 58 -20.05 3.17 -4.19
N ALA A 59 -19.50 4.08 -5.00
CA ALA A 59 -18.80 3.79 -6.26
C ALA A 59 -17.29 3.75 -6.00
N ILE A 60 -16.64 2.62 -6.28
CA ILE A 60 -15.17 2.48 -6.09
C ILE A 60 -14.44 3.04 -7.29
N HIS A 61 -13.33 3.70 -6.99
CA HIS A 61 -12.33 4.18 -7.96
C HIS A 61 -11.01 3.56 -7.56
N ILE A 62 -10.33 2.89 -8.49
CA ILE A 62 -9.05 2.17 -8.27
C ILE A 62 -8.02 2.77 -9.19
N ARG A 63 -6.81 2.91 -8.68
CA ARG A 63 -5.61 3.31 -9.45
C ARG A 63 -4.53 2.31 -9.19
N VAL A 64 -4.11 1.63 -10.21
CA VAL A 64 -3.03 0.64 -10.14
C VAL A 64 -1.85 1.19 -10.90
N TYR A 65 -0.69 1.18 -10.26
CA TYR A 65 0.57 1.69 -10.82
C TYR A 65 1.46 0.49 -11.14
N ALA A 66 1.66 0.28 -12.46
CA ALA A 66 2.36 -0.90 -13.00
C ALA A 66 3.69 -0.47 -13.57
N SER A 67 4.80 -1.02 -13.10
CA SER A 67 6.17 -0.55 -13.47
C SER A 67 6.95 -1.67 -14.15
N THR A 68 7.57 -1.33 -15.30
CA THR A 68 8.59 -2.13 -16.01
C THR A 68 9.76 -1.20 -16.27
N GLY A 69 10.98 -1.60 -15.88
CA GLY A 69 12.16 -0.73 -15.99
C GLY A 69 11.89 0.54 -15.21
N THR A 70 11.98 1.70 -15.87
CA THR A 70 11.75 3.00 -15.22
C THR A 70 10.43 3.59 -15.68
N THR A 71 9.59 2.80 -16.32
CA THR A 71 8.29 3.29 -16.83
C THR A 71 7.15 2.81 -15.94
N THR A 72 6.35 3.73 -15.45
CA THR A 72 5.19 3.43 -14.59
C THR A 72 3.98 3.88 -15.38
N THR A 73 3.07 2.92 -15.55
CA THR A 73 1.75 3.11 -16.18
C THR A 73 0.68 3.11 -15.10
N GLU A 74 -0.21 4.09 -15.10
CA GLU A 74 -1.40 4.11 -14.23
C GLU A 74 -2.54 3.50 -15.01
N TRP A 75 -3.24 2.58 -14.35
CA TRP A 75 -4.50 1.99 -14.87
C TRP A 75 -5.63 2.41 -13.95
N CYS A 76 -6.76 2.75 -14.53
CA CYS A 76 -7.89 3.36 -13.80
C CYS A 76 -9.12 2.51 -13.91
N TRP A 77 -9.72 2.16 -12.77
CA TRP A 77 -11.06 1.56 -12.77
C TRP A 77 -12.03 2.60 -12.18
N ASP A 78 -13.11 2.94 -12.90
CA ASP A 78 -14.05 3.98 -12.45
C ASP A 78 -15.45 3.45 -12.77
N GLY A 79 -15.57 2.13 -12.79
CA GLY A 79 -16.86 1.42 -12.88
C GLY A 79 -17.18 0.99 -14.30
N ASN A 80 -16.32 1.23 -15.28
CA ASN A 80 -16.67 1.05 -16.71
C ASN A 80 -15.52 0.43 -17.52
N GLY A 81 -14.67 -0.37 -16.88
CA GLY A 81 -13.50 -0.99 -17.47
C GLY A 81 -12.22 -0.28 -17.12
N TRP A 82 -11.12 -1.01 -17.28
CA TRP A 82 -9.80 -0.43 -17.03
C TRP A 82 -9.37 0.48 -18.18
N THR A 83 -8.88 1.66 -17.85
CA THR A 83 -8.37 2.64 -18.84
C THR A 83 -7.03 3.16 -18.38
N LYS A 84 -6.17 3.51 -19.33
CA LYS A 84 -4.85 4.08 -18.98
C LYS A 84 -5.06 5.51 -18.47
N GLY A 85 -4.40 5.85 -17.37
CA GLY A 85 -4.50 7.14 -16.70
C GLY A 85 -3.43 8.12 -17.19
N ALA A 86 -3.53 9.36 -16.76
CA ALA A 86 -2.61 10.45 -17.20
C ALA A 86 -1.25 10.41 -16.49
N TYR A 87 -1.06 9.56 -15.48
CA TYR A 87 0.16 9.58 -14.68
C TYR A 87 1.40 9.55 -15.57
N THR A 88 2.30 10.50 -15.31
CA THR A 88 3.70 10.41 -15.71
C THR A 88 4.60 10.77 -14.52
N SER A 89 5.90 10.45 -14.63
CA SER A 89 6.97 10.81 -13.61
C SER A 89 8.12 11.52 -14.31
N GLY A 94 13.23 -3.26 -11.90
CA GLY A 94 12.29 -2.18 -12.25
C GLY A 94 12.16 -1.27 -11.05
N ASP A 95 11.72 -0.05 -11.28
CA ASP A 95 11.48 0.87 -10.15
C ASP A 95 10.38 0.26 -9.29
N GLN A 96 10.27 0.71 -8.03
CA GLN A 96 9.27 0.17 -7.09
C GLN A 96 8.43 1.36 -6.62
N THR A 97 7.12 1.25 -6.56
CA THR A 97 6.23 2.39 -6.25
C THR A 97 5.42 2.08 -5.01
N ALA A 98 4.92 3.16 -4.43
CA ALA A 98 3.93 3.09 -3.36
C ALA A 98 2.95 4.22 -3.58
N ALA A 99 1.69 4.02 -3.31
CA ALA A 99 0.67 5.03 -3.59
C ALA A 99 -0.25 5.21 -2.43
N THR A 100 -0.78 6.43 -2.30
CA THR A 100 -1.84 6.73 -1.31
C THR A 100 -2.76 7.76 -1.90
N SER A 101 -3.94 7.91 -1.36
CA SER A 101 -4.91 8.88 -1.88
C SER A 101 -5.80 9.33 -0.75
N TRP A 102 -6.46 10.47 -0.96
CA TRP A 102 -7.33 11.00 0.08
C TRP A 102 -8.38 11.92 -0.51
N GLY A 103 -9.48 11.98 0.23
CA GLY A 103 -10.70 12.69 -0.13
C GLY A 103 -11.39 12.07 -1.35
N THR A 104 -12.19 12.88 -2.02
CA THR A 104 -13.08 12.41 -3.10
C THR A 104 -12.67 13.10 -4.39
N VAL A 105 -11.79 14.12 -4.35
CA VAL A 105 -11.30 14.75 -5.60
C VAL A 105 -10.79 13.67 -6.54
N PRO A 106 -9.86 12.75 -6.18
CA PRO A 106 -9.10 12.73 -4.92
C PRO A 106 -7.75 13.43 -5.11
N SER A 107 -6.97 13.54 -4.06
CA SER A 107 -5.54 13.79 -4.14
C SER A 107 -4.86 12.43 -4.14
N ILE A 108 -3.76 12.35 -4.83
CA ILE A 108 -2.97 11.08 -4.94
C ILE A 108 -1.52 11.47 -4.74
N ALA A 109 -0.72 10.66 -4.05
CA ALA A 109 0.73 10.75 -4.07
C ALA A 109 1.32 9.41 -4.42
N VAL A 110 2.26 9.37 -5.33
CA VAL A 110 2.89 8.13 -5.80
C VAL A 110 4.34 8.30 -5.60
N TYR A 111 4.93 7.44 -4.80
CA TYR A 111 6.37 7.48 -4.45
C TYR A 111 7.07 6.45 -5.29
N THR A 112 8.24 6.77 -5.86
CA THR A 112 9.01 5.85 -6.71
C THR A 112 10.43 5.75 -6.15
N ALA A 113 10.85 4.51 -5.92
CA ALA A 113 12.25 4.17 -5.58
C ALA A 113 12.96 3.77 -6.88
N ASN A 114 14.01 4.51 -7.26
CA ASN A 114 14.70 4.39 -8.60
C ASN A 114 16.19 4.66 -8.30
N ASN A 115 17.02 3.64 -8.38
CA ASN A 115 18.48 3.83 -8.23
C ASN A 115 18.83 4.43 -6.87
N GLY A 116 18.17 4.03 -5.77
CA GLY A 116 18.51 4.41 -4.40
C GLY A 116 17.88 5.72 -3.99
N LYS A 117 17.08 6.34 -4.84
CA LYS A 117 16.41 7.61 -4.46
C LYS A 117 14.90 7.40 -4.54
N ILE A 118 14.19 7.94 -3.57
CA ILE A 118 12.70 8.01 -3.66
C ILE A 118 12.27 9.43 -4.01
N THR A 119 11.41 9.57 -5.02
CA THR A 119 10.79 10.83 -5.40
C THR A 119 9.29 10.62 -5.50
N GLU A 120 8.60 11.72 -5.65
CA GLU A 120 7.15 11.86 -5.45
C GLU A 120 6.48 12.60 -6.60
N ARG A 121 5.33 12.06 -7.03
CA ARG A 121 4.48 12.70 -8.05
C ARG A 121 3.12 12.81 -7.40
N CYS A 122 2.47 13.92 -7.62
CA CYS A 122 1.24 14.30 -6.95
C CYS A 122 0.16 14.70 -7.95
N TRP A 123 -1.06 14.42 -7.59
CA TRP A 123 -2.30 14.79 -8.30
C TRP A 123 -3.26 15.42 -7.32
N ASP A 124 -3.79 16.61 -7.57
CA ASP A 124 -4.88 17.24 -6.78
C ASP A 124 -6.04 17.61 -7.69
N GLY A 125 -6.14 16.98 -8.84
CA GLY A 125 -7.27 17.19 -9.77
C GLY A 125 -6.90 18.08 -10.95
N LYS A 126 -5.66 18.54 -11.08
CA LYS A 126 -5.33 19.55 -12.11
C LYS A 126 -4.01 19.23 -12.78
N GLY A 127 -3.65 17.96 -12.91
CA GLY A 127 -2.41 17.51 -13.56
C GLY A 127 -1.39 16.98 -12.58
N TRP A 128 -0.54 16.07 -13.05
CA TRP A 128 0.53 15.51 -12.21
C TRP A 128 1.64 16.56 -12.06
N TYR A 129 2.23 16.62 -10.91
CA TYR A 129 3.41 17.48 -10.65
C TYR A 129 4.38 16.76 -9.74
N THR A 130 5.61 17.25 -9.66
CA THR A 130 6.64 16.70 -8.77
C THR A 130 6.48 17.29 -7.37
N GLY A 131 6.33 16.41 -6.37
CA GLY A 131 6.29 16.84 -4.97
C GLY A 131 7.64 17.14 -4.40
N ALA A 132 7.60 17.64 -3.18
CA ALA A 132 8.81 18.01 -2.44
C ALA A 132 9.60 16.80 -1.99
N PHE A 133 9.01 15.60 -1.88
CA PHE A 133 9.74 14.54 -1.17
C PHE A 133 10.88 14.02 -2.04
N ASN A 134 12.06 13.94 -1.47
CA ASN A 134 13.22 13.40 -2.16
C ASN A 134 14.22 12.86 -1.13
N GLU A 135 14.25 11.56 -0.87
CA GLU A 135 15.09 10.96 0.17
C GLU A 135 15.67 9.67 -0.36
N PRO A 136 16.75 9.23 0.25
CA PRO A 136 17.31 7.94 -0.11
C PRO A 136 16.39 6.78 0.27
N GLY A 137 16.44 5.79 -0.59
CA GLY A 137 15.77 4.51 -0.35
C GLY A 137 15.77 3.61 -1.55
N ASP A 138 15.83 2.31 -1.31
CA ASP A 138 15.70 1.26 -2.35
C ASP A 138 14.30 0.66 -2.31
N ASN A 139 13.57 0.83 -1.23
CA ASN A 139 12.17 0.35 -1.09
C ASN A 139 11.37 1.46 -0.42
N VAL A 140 10.07 1.49 -0.75
CA VAL A 140 9.19 2.51 -0.18
C VAL A 140 7.80 1.91 0.11
N SER A 141 7.22 2.30 1.22
CA SER A 141 5.77 2.10 1.50
C SER A 141 5.22 3.38 2.06
N VAL A 142 3.91 3.53 2.01
CA VAL A 142 3.27 4.77 2.45
C VAL A 142 1.91 4.48 3.06
N THR A 143 1.53 5.33 4.01
CA THR A 143 0.14 5.35 4.48
C THR A 143 -0.20 6.79 4.83
N SER A 144 -1.48 7.14 4.84
CA SER A 144 -1.92 8.49 5.11
C SER A 144 -3.26 8.51 5.79
N TRP A 145 -3.54 9.61 6.45
CA TRP A 145 -4.88 9.78 7.05
C TRP A 145 -5.21 11.26 7.07
N LEU A 146 -6.50 11.57 7.11
CA LEU A 146 -7.00 12.96 7.20
C LEU A 146 -7.41 13.27 8.65
N VAL A 147 -7.15 14.49 9.02
CA VAL A 147 -7.77 15.12 10.22
C VAL A 147 -8.48 16.35 9.67
N GLY A 148 -9.80 16.25 9.52
CA GLY A 148 -10.56 17.29 8.80
C GLY A 148 -10.09 17.31 7.36
N SER A 149 -9.57 18.42 6.85
CA SER A 149 -9.06 18.57 5.46
C SER A 149 -7.53 18.38 5.45
N ALA A 150 -6.90 18.25 6.61
CA ALA A 150 -5.43 18.17 6.73
C ALA A 150 -4.93 16.74 6.48
N ILE A 151 -4.10 16.56 5.50
CA ILE A 151 -3.45 15.22 5.24
C ILE A 151 -2.21 15.07 6.10
N HIS A 152 -2.10 13.86 6.58
CA HIS A 152 -0.87 13.38 7.23
C HIS A 152 -0.36 12.19 6.46
N ILE A 153 0.90 12.18 6.10
CA ILE A 153 1.52 11.10 5.29
C ILE A 153 2.70 10.56 6.06
N ARG A 154 2.84 9.25 6.02
CA ARG A 154 4.03 8.56 6.53
C ARG A 154 4.63 7.73 5.40
N VAL A 155 5.90 7.97 5.12
CA VAL A 155 6.61 7.26 4.05
C VAL A 155 7.72 6.51 4.72
N TYR A 156 7.79 5.20 4.50
CA TYR A 156 8.77 4.28 5.07
C TYR A 156 9.77 3.98 3.93
N ALA A 157 11.01 4.47 4.10
CA ALA A 157 12.08 4.38 3.10
C ALA A 157 13.12 3.41 3.64
N SER A 158 13.43 2.38 2.90
CA SER A 158 14.40 1.37 3.40
C SER A 158 15.59 1.25 2.50
N THR A 159 16.74 1.13 3.13
CA THR A 159 18.02 0.77 2.48
C THR A 159 18.71 -0.24 3.36
N GLY A 160 19.10 -1.37 2.79
CA GLY A 160 19.64 -2.49 3.57
C GLY A 160 18.62 -2.91 4.63
N THR A 161 18.97 -2.89 5.89
CA THR A 161 18.01 -3.30 6.94
C THR A 161 17.52 -2.08 7.71
N THR A 162 17.76 -0.87 7.18
CA THR A 162 17.43 0.39 7.89
C THR A 162 16.17 1.00 7.27
N THR A 163 15.15 1.16 8.06
CA THR A 163 13.90 1.83 7.61
C THR A 163 13.82 3.17 8.31
N THR A 164 13.67 4.21 7.50
CA THR A 164 13.49 5.60 7.95
C THR A 164 12.05 6.02 7.70
N GLU A 165 11.35 6.53 8.69
CA GLU A 165 10.00 7.10 8.54
C GLU A 165 10.15 8.60 8.27
N TRP A 166 9.42 9.02 7.26
CA TRP A 166 9.32 10.47 6.89
C TRP A 166 7.89 10.96 7.03
N CYS A 167 7.72 12.06 7.69
CA CYS A 167 6.40 12.59 8.05
C CYS A 167 6.07 13.87 7.35
N TRP A 168 4.89 13.91 6.73
CA TRP A 168 4.32 15.18 6.25
C TRP A 168 3.09 15.46 7.12
N ASP A 169 3.03 16.64 7.70
CA ASP A 169 1.89 17.03 8.56
C ASP A 169 1.57 18.48 8.24
N GLY A 170 1.87 18.87 7.01
CA GLY A 170 1.41 20.16 6.46
C GLY A 170 2.49 21.22 6.56
N ASN A 171 3.67 20.90 7.06
CA ASN A 171 4.69 21.95 7.32
C ASN A 171 6.10 21.49 6.93
N GLY A 172 6.23 20.66 5.89
CA GLY A 172 7.50 20.07 5.44
C GLY A 172 7.73 18.66 5.94
N TRP A 173 8.58 17.94 5.26
CA TRP A 173 8.92 16.55 5.60
C TRP A 173 9.91 16.52 6.76
N THR A 174 9.60 15.77 7.81
CA THR A 174 10.48 15.61 8.98
C THR A 174 10.68 14.11 9.23
N LYS A 175 11.82 13.76 9.79
CA LYS A 175 12.00 12.35 10.16
C LYS A 175 11.18 12.00 11.39
N GLY A 176 10.54 10.82 11.33
CA GLY A 176 9.67 10.29 12.35
C GLY A 176 10.40 9.41 13.36
N ALA A 177 9.69 9.05 14.41
CA ALA A 177 10.26 8.24 15.52
C ALA A 177 10.38 6.74 15.22
N TYR A 178 9.87 6.26 14.08
CA TYR A 178 9.89 4.83 13.76
C TYR A 178 11.29 4.25 13.92
N THR A 179 11.31 3.17 14.70
CA THR A 179 12.33 2.13 14.69
C THR A 179 11.55 0.76 14.64
N GLY A 185 17.42 -4.82 -0.01
CA GLY A 185 16.89 -4.06 1.13
C GLY A 185 15.69 -4.79 1.62
N ASP A 186 15.38 -4.59 2.90
CA ASP A 186 14.10 -5.10 3.46
C ASP A 186 12.94 -4.42 2.72
N GLN A 187 11.80 -5.09 2.73
CA GLN A 187 10.63 -4.56 2.02
C GLN A 187 9.55 -4.32 3.06
N THR A 188 8.83 -3.21 2.97
CA THR A 188 7.81 -2.89 3.94
C THR A 188 6.43 -2.64 3.29
N ALA A 189 5.50 -2.79 4.18
CA ALA A 189 4.07 -2.43 3.91
C ALA A 189 3.56 -1.66 5.09
N ALA A 190 2.61 -0.74 4.92
CA ALA A 190 2.12 0.04 6.05
C ALA A 190 0.64 0.29 5.92
N THR A 191 -0.06 0.35 7.03
CA THR A 191 -1.50 0.73 7.03
C THR A 191 -1.71 1.57 8.25
N SER A 192 -2.85 2.26 8.31
CA SER A 192 -3.10 3.15 9.47
C SER A 192 -4.60 3.26 9.62
N TRP A 193 -5.07 3.61 10.80
CA TRP A 193 -6.52 3.80 11.00
C TRP A 193 -6.84 4.79 12.12
N GLY A 194 -8.03 5.38 11.99
CA GLY A 194 -8.48 6.45 12.91
C GLY A 194 -7.66 7.71 12.74
N THR A 195 -7.76 8.61 13.71
CA THR A 195 -7.18 9.98 13.63
C THR A 195 -6.10 10.09 14.71
N VAL A 196 -5.96 9.11 15.62
CA VAL A 196 -4.80 9.10 16.56
C VAL A 196 -3.50 9.35 15.81
N PRO A 197 -3.10 8.57 14.77
CA PRO A 197 -3.78 7.34 14.36
C PRO A 197 -3.08 6.13 14.99
N SER A 198 -3.55 4.95 14.69
CA SER A 198 -2.75 3.72 14.82
C SER A 198 -2.08 3.44 13.50
N ILE A 199 -0.89 2.86 13.57
CA ILE A 199 -0.11 2.50 12.35
C ILE A 199 0.48 1.12 12.59
N ALA A 200 0.44 0.27 11.56
CA ALA A 200 1.18 -0.98 11.56
C ALA A 200 2.07 -1.00 10.35
N VAL A 201 3.30 -1.38 10.56
CA VAL A 201 4.32 -1.43 9.50
C VAL A 201 4.91 -2.82 9.51
N TYR A 202 4.78 -3.51 8.39
CA TYR A 202 5.24 -4.90 8.22
C TYR A 202 6.54 -4.88 7.49
N THR A 203 7.53 -5.68 7.88
CA THR A 203 8.85 -5.71 7.21
C THR A 203 9.23 -7.16 6.89
N ALA A 204 9.50 -7.39 5.62
CA ALA A 204 10.03 -8.68 5.11
C ALA A 204 11.54 -8.54 5.12
N ASN A 205 12.20 -9.43 5.82
CA ASN A 205 13.68 -9.38 5.98
C ASN A 205 14.13 -10.83 6.06
N ASN A 206 14.85 -11.28 5.06
CA ASN A 206 15.50 -12.63 5.08
C ASN A 206 14.42 -13.70 5.27
N GLY A 207 13.28 -13.56 4.57
CA GLY A 207 12.23 -14.58 4.51
C GLY A 207 11.23 -14.55 5.66
N LYS A 208 11.32 -13.57 6.58
CA LYS A 208 10.43 -13.47 7.74
C LYS A 208 9.79 -12.09 7.72
N ILE A 209 8.49 -12.05 7.97
CA ILE A 209 7.76 -10.78 8.12
C ILE A 209 7.47 -10.56 9.61
N THR A 210 7.84 -9.38 10.09
CA THR A 210 7.58 -8.90 11.47
C THR A 210 6.83 -7.57 11.41
N GLU A 211 6.39 -7.07 12.55
CA GLU A 211 5.38 -6.01 12.67
C GLU A 211 5.82 -5.04 13.75
N ARG A 212 5.78 -3.73 13.41
CA ARG A 212 6.00 -2.66 14.41
C ARG A 212 4.72 -1.84 14.39
N CYS A 213 4.32 -1.37 15.53
CA CYS A 213 2.97 -0.78 15.78
C CYS A 213 3.11 0.52 16.57
N TRP A 214 2.29 1.45 16.25
CA TRP A 214 2.13 2.76 16.91
C TRP A 214 0.66 2.98 17.22
N ASP A 215 0.35 3.33 18.47
CA ASP A 215 -1.01 3.72 18.92
C ASP A 215 -0.90 5.05 19.66
N GLY A 216 0.11 5.84 19.39
CA GLY A 216 0.23 7.20 19.93
C GLY A 216 1.17 7.27 21.08
N LYS A 217 1.79 6.17 21.51
CA LYS A 217 2.55 6.20 22.78
C LYS A 217 3.86 5.45 22.61
N GLY A 218 4.43 5.44 21.40
CA GLY A 218 5.71 4.80 21.11
C GLY A 218 5.56 3.60 20.20
N TRP A 219 6.63 3.26 19.48
CA TRP A 219 6.67 2.07 18.61
C TRP A 219 6.87 0.86 19.50
N TYR A 220 6.23 -0.23 19.16
CA TYR A 220 6.45 -1.53 19.82
C TYR A 220 6.38 -2.63 18.78
N THR A 221 6.81 -3.82 19.15
CA THR A 221 6.74 -5.01 18.30
C THR A 221 5.36 -5.61 18.42
N GLY A 222 4.72 -5.83 17.29
CA GLY A 222 3.43 -6.52 17.28
C GLY A 222 3.58 -8.01 17.25
N ALA A 223 2.46 -8.67 17.34
CA ALA A 223 2.40 -10.12 17.40
C ALA A 223 2.69 -10.78 16.06
N PHE A 224 2.51 -10.09 14.93
CA PHE A 224 2.60 -10.81 13.64
C PHE A 224 4.02 -11.27 13.42
N ASN A 225 4.17 -12.53 13.08
CA ASN A 225 5.49 -13.06 12.74
C ASN A 225 5.25 -14.28 11.83
N GLU A 226 5.46 -14.16 10.52
CA GLU A 226 5.13 -15.23 9.55
C GLU A 226 6.19 -15.22 8.48
N PRO A 227 6.36 -16.36 7.80
CA PRO A 227 7.29 -16.38 6.67
C PRO A 227 6.78 -15.60 5.45
N GLY A 228 7.74 -14.95 4.83
CA GLY A 228 7.58 -14.35 3.51
C GLY A 228 8.71 -13.47 3.07
N ASP A 229 8.83 -13.38 1.78
CA ASP A 229 9.84 -12.56 1.10
C ASP A 229 9.22 -11.22 0.70
N ASN A 230 7.93 -11.16 0.46
CA ASN A 230 7.23 -9.93 0.04
C ASN A 230 6.02 -9.80 0.94
N VAL A 231 5.62 -8.56 1.19
CA VAL A 231 4.41 -8.29 1.98
C VAL A 231 3.61 -7.11 1.43
N SER A 232 2.30 -7.26 1.48
CA SER A 232 1.32 -6.14 1.34
C SER A 232 0.31 -6.18 2.45
N VAL A 233 -0.45 -5.10 2.63
CA VAL A 233 -1.40 -5.00 3.72
C VAL A 233 -2.53 -4.04 3.37
N THR A 234 -3.72 -4.39 3.87
CA THR A 234 -4.87 -3.45 3.85
C THR A 234 -5.59 -3.59 5.16
N SER A 235 -6.44 -2.63 5.46
CA SER A 235 -7.18 -2.68 6.71
C SER A 235 -8.47 -1.88 6.55
N TRP A 236 -9.37 -2.14 7.46
CA TRP A 236 -10.66 -1.38 7.50
C TRP A 236 -11.19 -1.41 8.91
N LEU A 237 -12.00 -0.40 9.23
CA LEU A 237 -12.73 -0.25 10.49
C LEU A 237 -14.16 -0.74 10.28
N VAL A 238 -14.69 -1.43 11.28
CA VAL A 238 -16.15 -1.63 11.48
C VAL A 238 -16.41 -1.02 12.86
N GLY A 239 -17.03 0.14 12.91
CA GLY A 239 -17.06 0.89 14.19
C GLY A 239 -15.66 1.20 14.68
N SER A 240 -15.31 0.79 15.89
CA SER A 240 -13.99 1.04 16.51
C SER A 240 -13.05 -0.14 16.28
N ALA A 241 -13.49 -1.21 15.61
CA ALA A 241 -12.71 -2.46 15.53
C ALA A 241 -11.94 -2.49 14.21
N ILE A 242 -10.65 -2.72 14.33
CA ILE A 242 -9.78 -2.77 13.13
C ILE A 242 -9.76 -4.22 12.64
N HIS A 243 -9.72 -4.34 11.33
CA HIS A 243 -9.54 -5.61 10.59
C HIS A 243 -8.40 -5.40 9.64
N ILE A 244 -7.42 -6.30 9.70
CA ILE A 244 -6.17 -6.25 8.93
C ILE A 244 -6.03 -7.50 8.12
N ARG A 245 -5.58 -7.34 6.88
CA ARG A 245 -5.23 -8.44 5.97
C ARG A 245 -3.81 -8.22 5.49
N VAL A 246 -2.95 -9.18 5.74
CA VAL A 246 -1.54 -9.14 5.38
C VAL A 246 -1.32 -10.23 4.37
N TYR A 247 -0.80 -9.90 3.19
CA TYR A 247 -0.53 -10.83 2.11
C TYR A 247 0.96 -11.12 2.07
N ALA A 248 1.36 -12.33 2.39
CA ALA A 248 2.75 -12.72 2.59
C ALA A 248 3.09 -13.67 1.43
N SER A 249 4.10 -13.35 0.64
CA SER A 249 4.44 -14.17 -0.57
C SER A 249 5.84 -14.77 -0.44
N THR A 250 5.92 -16.04 -0.74
CA THR A 250 7.21 -16.77 -0.94
C THR A 250 7.10 -17.55 -2.24
N GLY A 251 8.05 -17.41 -3.17
CA GLY A 251 7.94 -17.96 -4.53
C GLY A 251 6.64 -17.50 -5.16
N THR A 252 5.80 -18.40 -5.63
CA THR A 252 4.54 -17.98 -6.27
C THR A 252 3.38 -18.23 -5.33
N THR A 253 3.62 -18.37 -4.02
CA THR A 253 2.57 -18.72 -3.06
C THR A 253 2.31 -17.51 -2.16
N THR A 254 1.09 -17.01 -2.18
CA THR A 254 0.66 -15.90 -1.31
C THR A 254 -0.32 -16.43 -0.31
N THR A 255 -0.01 -16.13 0.95
CA THR A 255 -0.81 -16.52 2.11
C THR A 255 -1.44 -15.27 2.75
N GLU A 256 -2.74 -15.24 2.96
CA GLU A 256 -3.41 -14.12 3.63
C GLU A 256 -3.44 -14.43 5.12
N TRP A 257 -3.08 -13.43 5.89
CA TRP A 257 -3.19 -13.49 7.37
C TRP A 257 -4.21 -12.45 7.82
N CYS A 258 -5.09 -12.86 8.71
CA CYS A 258 -6.23 -12.06 9.14
C CYS A 258 -6.11 -11.69 10.61
N TRP A 259 -6.25 -10.41 10.92
CA TRP A 259 -6.46 -9.95 12.32
C TRP A 259 -7.86 -9.37 12.39
N ASP A 260 -8.70 -9.89 13.29
CA ASP A 260 -10.06 -9.37 13.49
C ASP A 260 -10.31 -9.21 14.98
N GLY A 261 -9.25 -8.92 15.73
CA GLY A 261 -9.30 -8.61 17.17
C GLY A 261 -9.03 -9.82 18.05
N ASN A 262 -8.73 -11.02 17.53
CA ASN A 262 -8.68 -12.25 18.38
C ASN A 262 -7.53 -13.17 17.95
N GLY A 263 -6.44 -12.58 17.44
CA GLY A 263 -5.27 -13.33 16.99
C GLY A 263 -5.19 -13.41 15.48
N TRP A 264 -4.00 -13.67 14.99
CA TRP A 264 -3.76 -13.83 13.54
C TRP A 264 -4.23 -15.20 13.07
N THR A 265 -5.08 -15.27 12.04
CA THR A 265 -5.54 -16.54 11.49
C THR A 265 -5.31 -16.53 9.99
N LYS A 266 -5.07 -17.70 9.43
CA LYS A 266 -4.93 -17.77 7.95
C LYS A 266 -6.28 -17.56 7.27
N GLY A 267 -6.26 -16.81 6.18
CA GLY A 267 -7.44 -16.41 5.44
C GLY A 267 -7.66 -17.28 4.21
N ALA A 268 -8.80 -17.17 3.60
CA ALA A 268 -9.17 -17.99 2.43
C ALA A 268 -8.50 -17.64 1.13
N TYR A 269 -7.76 -16.53 1.03
CA TYR A 269 -7.17 -16.12 -0.25
C TYR A 269 -6.47 -17.30 -0.91
N THR A 270 -6.70 -17.41 -2.22
CA THR A 270 -5.89 -18.16 -3.21
C THR A 270 -5.74 -17.30 -4.53
C1 GOL B . -12.97 -6.74 -11.41
O1 GOL B . -13.25 -7.63 -12.48
C2 GOL B . -12.38 -5.45 -11.94
O2 GOL B . -11.08 -5.72 -12.46
C3 GOL B . -12.31 -4.34 -10.89
O3 GOL B . -11.76 -4.78 -9.65
C1 GOL C . 4.07 17.98 -1.96
O1 GOL C . 5.11 18.78 -2.55
C2 GOL C . 4.49 17.41 -0.61
O2 GOL C . 5.71 16.64 -0.74
C3 GOL C . 3.42 16.57 0.06
O3 GOL C . 2.86 15.57 -0.80
C1 GOL D . -0.55 -6.38 17.47
O1 GOL D . 0.20 -7.15 18.41
C2 GOL D . -1.30 -7.26 16.49
O2 GOL D . -0.36 -8.06 15.75
C3 GOL D . -2.18 -6.48 15.53
O3 GOL D . -1.47 -5.40 14.91
O7P R3F E . -0.43 16.61 19.12
C7P R3F E . 0.65 17.20 19.13
C1P R3F E . 0.71 18.68 19.55
C2P R3F E . 0.13 19.18 20.75
C4B R3F E . -0.58 18.34 21.78
C1C R3F E . -2.01 18.22 21.85
C6C R3F E . -2.90 18.87 20.97
C5C R3F E . -4.29 18.69 21.09
C4C R3F E . -4.84 17.88 22.09
N1C R3F E . -6.24 17.66 22.26
C13 R3F E . -6.96 18.23 23.40
C14 R3F E . -7.98 19.25 22.95
C23 R3F E . -6.97 16.82 21.31
C24 R3F E . -6.27 15.52 20.96
C3C R3F E . -3.97 17.25 22.95
C2C R3F E . -2.60 17.41 22.84
O1B R3F E . -1.83 16.75 23.73
C1A R3F E . -0.47 16.84 23.70
C6A R3F E . 0.24 16.13 24.67
C5A R3F E . 1.64 16.15 24.75
N1A R3F E . 2.29 15.36 25.77
C11 R3F E . 3.74 15.40 26.02
C12 R3F E . 4.12 16.25 27.22
C21 R3F E . 1.51 14.43 26.61
C22 R3F E . 0.84 13.31 25.83
C4A R3F E . 2.31 16.92 23.78
C3A R3F E . 1.60 17.66 22.81
C2A R3F E . 0.19 17.63 22.74
C3P R3F E . 0.25 20.54 21.04
C4P R3F E . 0.90 21.42 20.16
C5P R3F E . 1.45 20.94 18.96
C6P R3F E . 1.35 19.58 18.68
O1 R3F E . 1.82 16.39 18.74
C2 R3F E . 3.03 16.93 18.14
C3 R3F E . 4.15 15.90 17.99
O4 R3F E . 5.18 15.93 19.00
C5 R3F E . 4.78 16.18 20.36
C6 R3F E . 3.58 15.32 20.83
O7 R3F E . 3.90 14.56 21.99
C8 R3F E . 3.29 13.28 22.12
C9 R3F E . 4.11 12.08 21.52
N3T R3F E . 4.00 12.05 20.06
C4T R3F E . 4.64 11.95 18.90
C5T R3F E . 3.64 12.13 17.96
N1T R3F E . 2.41 12.34 18.52
N2T R3F E . 2.67 12.22 19.84
C1 R3F E . 3.75 12.17 16.47
O1F R3F E . 4.82 11.33 16.06
C1F R3F E . 4.96 11.08 14.70
O5F R3F E . 3.72 10.78 14.08
C5F R3F E . 3.27 9.49 14.42
C6F R3F E . 1.85 9.26 14.00
C4F R3F E . 4.24 8.42 14.23
O4F R3F E . 4.38 8.41 12.75
C3F R3F E . 5.59 8.77 14.74
O3F R3F E . 6.61 7.84 14.50
C2F R3F E . 6.02 10.14 14.35
O2F R3F E . 7.19 10.51 14.99
O7P R3F F . -16.66 -17.20 7.39
C7P R3F F . -17.54 -16.90 8.17
C1P R3F F . -17.27 -16.41 9.53
C2P R3F F . -16.49 -17.25 10.32
C4B R3F F . -15.82 -18.47 9.70
C1C R3F F . -16.23 -19.77 9.23
C6C R3F F . -17.53 -20.32 9.31
C5C R3F F . -17.82 -21.63 8.84
C4C R3F F . -16.82 -22.46 8.27
N1C R3F F . -17.03 -23.81 7.77
C13 R3F F . -15.85 -24.63 7.37
C14 R3F F . -16.11 -25.74 6.36
C23 R3F F . -18.37 -24.44 7.70
C24 R3F F . -18.97 -24.54 6.33
C3C R3F F . -15.54 -21.91 8.20
C2C R3F F . -15.25 -20.61 8.66
O1B R3F F . -13.94 -20.22 8.51
C1A R3F F . -13.54 -18.98 8.94
C6A R3F F . -12.22 -18.58 8.78
C5A R3F F . -11.84 -17.29 9.20
N1A R3F F . -10.52 -16.88 9.13
C11 R3F F . -9.56 -17.88 9.60
C12 R3F F . -10.06 -18.65 10.84
C21 R3F F . -10.12 -15.54 8.66
C22 R3F F . -10.73 -14.36 9.42
C4A R3F F . -12.76 -16.45 9.79
C3A R3F F . -14.05 -16.84 9.92
C2A R3F F . -14.48 -18.12 9.51
C3P R3F F . -16.21 -16.81 11.64
C4P R3F F . -16.78 -15.62 12.14
C5P R3F F . -17.61 -14.84 11.33
C6P R3F F . -17.87 -15.24 10.01
O1 R3F F . -18.95 -17.09 7.84
C2 R3F F . -19.74 -18.01 8.60
C3 R3F F . -21.22 -17.65 8.57
O4 R3F F . -21.51 -16.98 7.34
C5 R3F F . -21.28 -15.57 7.38
C6 R3F F . -20.89 -15.12 5.98
O7 R3F F . -19.53 -15.43 5.67
C8 R3F F . -19.28 -16.76 5.14
C9 R3F F . -17.90 -16.84 4.43
N3T R3F F . -17.03 -15.82 4.99
C4T R3F F . -15.76 -15.69 5.33
C5T R3F F . -15.63 -14.46 5.85
N1T R3F F . -16.79 -13.76 5.79
N2T R3F F . -17.68 -14.65 5.24
C1 R3F F . -14.35 -13.96 6.38
O1F R3F F . -13.32 -14.33 5.49
C1F R3F F . -12.10 -13.70 5.74
O5F R3F F . -12.09 -12.29 5.76
C5F R3F F . -12.31 -11.78 4.43
C6F R3F F . -12.60 -10.31 4.46
C4F R3F F . -11.37 -12.32 3.44
O4F R3F F . -10.10 -11.65 3.82
C3F R3F F . -11.15 -13.77 3.55
O3F R3F F . -10.23 -14.32 2.62
C2F R3F F . -10.97 -14.24 4.97
O2F R3F F . -11.00 -15.66 4.98
O7P R3F G . -13.77 15.71 -12.64
C7P R3F G . -14.23 16.67 -13.27
C1P R3F G . -15.34 16.49 -14.30
C2P R3F G . -15.62 15.25 -14.92
C4B R3F G . -14.89 13.97 -14.60
C1C R3F G . -14.02 13.24 -15.49
C6C R3F G . -13.65 13.61 -16.81
C5C R3F G . -12.76 12.81 -17.58
C4C R3F G . -12.22 11.60 -17.06
N1C R3F G . -11.34 10.71 -17.77
C13 R3F G . -11.46 9.24 -17.58
C14 R3F G . -10.63 8.65 -16.43
C23 R3F G . -10.34 11.25 -18.72
C24 R3F G . -9.10 10.37 -18.91
C3C R3F G . -12.60 11.26 -15.77
C2C R3F G . -13.46 12.04 -15.00
O1B R3F G . -13.73 11.57 -13.74
C1A R3F G . -14.56 12.25 -12.88
C6A R3F G . -14.80 11.72 -11.60
C5A R3F G . -15.63 12.39 -10.70
N1A R3F G . -15.91 11.85 -9.41
C11 R3F G . -16.29 10.44 -9.30
C12 R3F G . -17.22 9.99 -10.42
C21 R3F G . -15.84 12.65 -8.17
C22 R3F G . -14.79 13.74 -8.16
C4A R3F G . -16.25 13.58 -11.11
C3A R3F G . -16.02 14.10 -12.38
C2A R3F G . -15.16 13.44 -13.31
C3P R3F G . -16.70 15.18 -15.83
C4P R3F G . -17.45 16.30 -16.16
C5P R3F G . -17.15 17.53 -15.56
C6P R3F G . -16.12 17.61 -14.64
O1 R3F G . -13.61 17.97 -13.00
C2 R3F G . -13.97 18.99 -12.05
C3 R3F G . -12.87 20.05 -12.07
O4 R3F G . -12.71 20.64 -13.37
C5 R3F G . -12.80 19.79 -14.56
C6 R3F G . -11.71 18.69 -14.70
O7 R3F G . -12.00 17.44 -15.39
C8 R3F G . -11.01 17.05 -16.39
C9 R3F G . -9.55 16.77 -15.87
N3T R3F G . -9.52 15.46 -15.25
C4T R3F G . -9.11 14.20 -15.42
C5T R3F G . -9.64 13.49 -14.37
N1T R3F G . -10.35 14.27 -13.53
N2T R3F G . -10.27 15.53 -14.12
C1 R3F G . -9.48 12.00 -14.16
O1F R3F G . -8.11 11.60 -14.34
C1F R3F G . -7.83 10.34 -13.87
O5F R3F G . -8.12 10.08 -12.55
C5F R3F G . -7.24 10.75 -11.66
C6F R3F G . -7.90 10.65 -10.31
C4F R3F G . -5.78 10.53 -11.92
O4F R3F G . -5.69 9.13 -11.55
C3F R3F G . -5.44 10.66 -13.40
O3F R3F G . -4.13 10.38 -13.64
C2F R3F G . -6.46 9.91 -14.21
O2F R3F G . -6.16 10.16 -15.61
#